data_5DAN
#
_entry.id   5DAN
#
_cell.length_a   84.821
_cell.length_b   84.821
_cell.length_c   93.727
_cell.angle_alpha   90.000
_cell.angle_beta   90.000
_cell.angle_gamma   120.000
#
_symmetry.space_group_name_H-M   'P 31 2 1'
#
loop_
_entity.id
_entity.type
_entity.pdbx_description
1 polymer '2,5-diketo-D-gluconic acid reductase'
2 non-polymer 'NADP NICOTINAMIDE-ADENINE-DINUCLEOTIDE PHOSPHATE'
3 water water
#
_entity_poly.entity_id   1
_entity_poly.type   'polypeptide(L)'
_entity_poly.pdbx_seq_one_letter_code
;MLYKELGRTGEEIPALGLGTWGIGGFETPDYSRDEEMVELLKTAIKMGYTHIDTAEYYGGGHTEELIGKAIKDFRREDLF
IVSKVWPTHLRRDDLLRSLENTLKRLDTDYVDLYLIHWPNPEIPLEETLSAMAEGVRQGLIRYIGVSNFDRRLLEEAISK
SQEPIVCDQVKYNIEDRDPERDGLLEFCQKNGVTLVAYSPLRRTLLSEKTKRTLEEIAKNHGATIYQIMLAWLLAKPNVV
AIPKAGRVEHLRENLKATEIKLSEEEMKLLDSLG
;
_entity_poly.pdbx_strand_id   A
#
# COMPACT_ATOMS: atom_id res chain seq x y z
N MET A 1 -11.96 -2.26 -11.76
CA MET A 1 -11.04 -2.45 -10.57
C MET A 1 -11.08 -3.87 -10.05
N LEU A 2 -9.91 -4.51 -9.95
CA LEU A 2 -9.80 -5.85 -9.38
C LEU A 2 -9.87 -5.73 -7.85
N TYR A 3 -10.54 -6.70 -7.23
CA TYR A 3 -10.67 -6.83 -5.79
C TYR A 3 -10.09 -8.16 -5.34
N LYS A 4 -9.46 -8.17 -4.16
CA LYS A 4 -8.87 -9.36 -3.56
C LYS A 4 -9.17 -9.30 -2.07
N GLU A 5 -9.19 -10.45 -1.44
CA GLU A 5 -9.45 -10.52 -0.02
C GLU A 5 -8.25 -10.01 0.75
N LEU A 6 -8.49 -9.14 1.71
CA LEU A 6 -7.46 -8.77 2.68
C LEU A 6 -7.30 -9.87 3.71
N GLY A 7 -6.07 -10.32 3.91
CA GLY A 7 -5.76 -11.42 4.85
C GLY A 7 -6.80 -12.53 4.89
N ARG A 8 -7.28 -12.90 6.09
CA ARG A 8 -8.45 -13.79 6.30
C ARG A 8 -9.67 -13.07 6.93
N THR A 9 -9.88 -11.83 6.47
CA THR A 9 -10.92 -10.96 7.01
C THR A 9 -12.32 -11.23 6.45
N GLY A 10 -12.40 -11.98 5.35
CA GLY A 10 -13.61 -12.04 4.56
C GLY A 10 -14.05 -10.72 3.96
N GLU A 11 -13.12 -9.77 3.82
CA GLU A 11 -13.40 -8.48 3.24
C GLU A 11 -12.50 -8.27 2.06
N GLU A 12 -13.07 -7.80 0.95
CA GLU A 12 -12.27 -7.55 -0.25
C GLU A 12 -11.95 -6.08 -0.39
N ILE A 13 -10.74 -5.80 -0.86
CA ILE A 13 -10.30 -4.45 -1.08
C ILE A 13 -9.84 -4.28 -2.53
N PRO A 14 -9.83 -3.04 -3.04
CA PRO A 14 -9.23 -2.80 -4.34
C PRO A 14 -7.76 -3.26 -4.38
N ALA A 15 -7.45 -4.14 -5.33
CA ALA A 15 -6.10 -4.68 -5.50
C ALA A 15 -5.08 -3.67 -6.02
N LEU A 16 -5.53 -2.51 -6.54
CA LEU A 16 -4.67 -1.34 -6.76
C LEU A 16 -5.05 -0.29 -5.77
N GLY A 17 -4.09 0.10 -4.95
CA GLY A 17 -4.25 1.13 -3.95
C GLY A 17 -3.65 2.39 -4.56
N LEU A 18 -3.94 3.52 -3.94
CA LEU A 18 -3.53 4.82 -4.45
C LEU A 18 -2.36 5.26 -3.58
N GLY A 19 -1.16 5.22 -4.15
CA GLY A 19 0.03 5.70 -3.44
C GLY A 19 0.01 7.21 -3.40
N THR A 20 0.39 7.79 -2.24
CA THR A 20 0.30 9.24 -2.01
C THR A 20 1.61 9.95 -1.63
N TRP A 21 2.73 9.23 -1.66
CA TRP A 21 4.04 9.85 -1.43
C TRP A 21 4.31 10.92 -2.49
N GLY A 22 4.61 12.14 -2.03
CA GLY A 22 4.85 13.26 -2.93
C GLY A 22 3.63 14.13 -3.12
N ILE A 23 2.44 13.65 -2.76
CA ILE A 23 1.23 14.49 -2.86
C ILE A 23 1.17 15.41 -1.64
N GLY A 24 1.27 16.73 -1.88
CA GLY A 24 1.35 17.71 -0.80
C GLY A 24 2.71 17.76 -0.09
N GLY A 25 3.75 17.33 -0.78
CA GLY A 25 5.10 17.41 -0.27
C GLY A 25 5.66 16.04 -0.03
N PHE A 26 6.93 16.03 0.32
CA PHE A 26 7.66 14.79 0.60
C PHE A 26 7.94 14.77 2.09
N GLU A 27 9.16 15.08 2.54
CA GLU A 27 9.44 15.06 4.01
C GLU A 27 8.87 16.26 4.72
N THR A 28 8.58 17.33 3.99
CA THR A 28 8.00 18.53 4.56
C THR A 28 6.74 18.99 3.78
N PRO A 29 5.85 19.73 4.43
CA PRO A 29 4.61 20.13 3.75
C PRO A 29 4.89 21.04 2.57
N ASP A 30 4.18 20.79 1.47
CA ASP A 30 4.20 21.67 0.29
C ASP A 30 2.74 22.07 0.01
N TYR A 31 2.44 23.35 0.27
CA TYR A 31 1.09 23.89 0.16
C TYR A 31 0.78 24.46 -1.25
N SER A 32 1.71 24.34 -2.18
CA SER A 32 1.70 25.14 -3.42
C SER A 32 0.80 24.62 -4.56
N ARG A 33 0.38 23.36 -4.53
CA ARG A 33 -0.59 22.83 -5.50
C ARG A 33 -1.78 22.17 -4.78
N ASP A 34 -2.19 22.75 -3.67
CA ASP A 34 -3.19 22.13 -2.80
C ASP A 34 -4.53 21.90 -3.50
N GLU A 35 -5.05 22.91 -4.21
CA GLU A 35 -6.35 22.77 -4.87
C GLU A 35 -6.30 21.76 -6.01
N GLU A 36 -5.24 21.86 -6.82
CA GLU A 36 -4.95 20.87 -7.85
C GLU A 36 -4.82 19.42 -7.31
N MET A 37 -4.21 19.26 -6.13
CA MET A 37 -4.02 17.92 -5.55
C MET A 37 -5.33 17.36 -4.96
N VAL A 38 -6.10 18.21 -4.25
CA VAL A 38 -7.45 17.84 -3.80
C VAL A 38 -8.32 17.42 -4.99
N GLU A 39 -8.21 18.12 -6.11
CA GLU A 39 -9.01 17.78 -7.27
C GLU A 39 -8.55 16.46 -7.91
N LEU A 40 -7.24 16.26 -7.97
CA LEU A 40 -6.64 14.99 -8.43
C LEU A 40 -7.16 13.80 -7.62
N LEU A 41 -7.08 13.91 -6.31
CA LEU A 41 -7.53 12.88 -5.39
C LEU A 41 -9.02 12.56 -5.58
N LYS A 42 -9.85 13.61 -5.66
CA LYS A 42 -11.29 13.41 -5.95
C LYS A 42 -11.52 12.61 -7.24
N THR A 43 -10.80 12.99 -8.30
CA THR A 43 -10.88 12.30 -9.59
C THR A 43 -10.41 10.85 -9.54
N ALA A 44 -9.31 10.61 -8.84
CA ALA A 44 -8.90 9.21 -8.59
C ALA A 44 -9.98 8.42 -7.82
N ILE A 45 -10.48 8.98 -6.72
CA ILE A 45 -11.54 8.28 -5.96
C ILE A 45 -12.76 7.93 -6.86
N LYS A 46 -13.18 8.91 -7.64
CA LYS A 46 -14.30 8.77 -8.57
C LYS A 46 -14.04 7.70 -9.62
N MET A 47 -12.79 7.54 -10.05
CA MET A 47 -12.47 6.50 -11.04
C MET A 47 -12.50 5.09 -10.45
N GLY A 48 -12.52 4.98 -9.12
CA GLY A 48 -12.51 3.68 -8.44
C GLY A 48 -11.33 3.45 -7.50
N TYR A 49 -10.43 4.45 -7.35
CA TYR A 49 -9.31 4.37 -6.38
C TYR A 49 -9.79 4.74 -4.98
N THR A 50 -10.49 3.78 -4.42
CA THR A 50 -11.17 3.85 -3.15
C THR A 50 -10.24 3.40 -1.98
N HIS A 51 -9.21 2.61 -2.33
CA HIS A 51 -8.13 2.17 -1.43
C HIS A 51 -7.01 3.20 -1.54
N ILE A 52 -6.75 3.92 -0.45
CA ILE A 52 -5.81 5.02 -0.40
C ILE A 52 -4.67 4.75 0.61
N ASP A 53 -3.41 4.82 0.14
CA ASP A 53 -2.25 4.57 0.98
C ASP A 53 -1.52 5.85 1.36
N THR A 54 -1.47 6.13 2.67
CA THR A 54 -0.83 7.33 3.16
C THR A 54 -0.07 7.00 4.46
N ALA A 55 0.47 8.02 5.11
CA ALA A 55 1.29 7.88 6.34
C ALA A 55 1.37 9.21 7.06
N GLU A 56 1.62 9.21 8.38
CA GLU A 56 1.89 10.48 9.09
C GLU A 56 3.12 11.21 8.51
N TYR A 57 4.08 10.43 7.99
CA TYR A 57 5.33 10.99 7.48
C TYR A 57 5.14 11.83 6.20
N TYR A 58 4.13 11.44 5.42
CA TYR A 58 3.93 11.98 4.09
C TYR A 58 3.55 13.47 4.15
N GLY A 59 4.37 14.29 3.47
CA GLY A 59 4.23 15.74 3.50
C GLY A 59 4.28 16.36 4.87
N GLY A 60 5.03 15.70 5.79
CA GLY A 60 5.06 16.13 7.19
C GLY A 60 3.69 16.19 7.85
N GLY A 61 2.78 15.31 7.45
CA GLY A 61 1.36 15.37 7.86
C GLY A 61 0.39 15.94 6.81
N HIS A 62 0.90 16.72 5.87
CA HIS A 62 0.04 17.46 4.95
C HIS A 62 -0.67 16.58 3.91
N THR A 63 -0.08 15.44 3.56
CA THR A 63 -0.74 14.51 2.66
C THR A 63 -2.07 14.04 3.22
N GLU A 64 -2.12 13.75 4.52
CA GLU A 64 -3.32 13.31 5.17
C GLU A 64 -4.35 14.45 5.19
N GLU A 65 -3.88 15.69 5.36
CA GLU A 65 -4.78 16.86 5.29
C GLU A 65 -5.47 16.95 3.94
N LEU A 66 -4.72 16.75 2.86
CA LEU A 66 -5.27 16.86 1.50
C LEU A 66 -6.24 15.73 1.27
N ILE A 67 -5.83 14.51 1.65
CA ILE A 67 -6.73 13.37 1.59
C ILE A 67 -7.99 13.67 2.42
N GLY A 68 -7.83 14.26 3.60
CA GLY A 68 -8.97 14.62 4.44
C GLY A 68 -10.00 15.50 3.75
N LYS A 69 -9.54 16.46 2.96
CA LYS A 69 -10.44 17.31 2.16
C LYS A 69 -11.08 16.54 1.04
N ALA A 70 -10.27 15.82 0.27
CA ALA A 70 -10.76 15.07 -0.87
C ALA A 70 -11.87 14.05 -0.52
N ILE A 71 -11.76 13.39 0.64
CA ILE A 71 -12.75 12.35 1.00
C ILE A 71 -14.13 12.90 1.42
N LYS A 72 -14.22 14.21 1.68
CA LYS A 72 -15.50 14.84 2.05
C LYS A 72 -16.57 14.71 0.95
N ASP A 73 -16.20 14.55 -0.31
CA ASP A 73 -17.21 14.34 -1.37
C ASP A 73 -17.74 12.92 -1.50
N PHE A 74 -17.37 12.01 -0.58
CA PHE A 74 -17.69 10.61 -0.70
C PHE A 74 -18.15 10.08 0.65
N ARG A 75 -18.82 8.94 0.64
CA ARG A 75 -19.24 8.29 1.89
C ARG A 75 -18.02 7.63 2.48
N ARG A 76 -17.67 8.02 3.70
CA ARG A 76 -16.47 7.51 4.37
C ARG A 76 -16.36 5.98 4.37
N GLU A 77 -17.47 5.31 4.65
CA GLU A 77 -17.52 3.86 4.69
C GLU A 77 -17.27 3.14 3.35
N ASP A 78 -17.36 3.85 2.22
CA ASP A 78 -16.97 3.28 0.93
C ASP A 78 -15.46 3.29 0.71
N LEU A 79 -14.71 3.99 1.56
CA LEU A 79 -13.27 4.15 1.35
C LEU A 79 -12.46 3.26 2.28
N PHE A 80 -11.35 2.78 1.75
CA PHE A 80 -10.35 1.99 2.50
C PHE A 80 -9.08 2.85 2.62
N ILE A 81 -8.89 3.42 3.80
CA ILE A 81 -7.84 4.39 4.06
C ILE A 81 -6.78 3.78 5.00
N VAL A 82 -5.54 3.83 4.55
CA VAL A 82 -4.41 3.19 5.21
C VAL A 82 -3.49 4.31 5.64
N SER A 83 -3.14 4.34 6.93
CA SER A 83 -2.05 5.17 7.39
C SER A 83 -1.03 4.35 8.17
N LYS A 84 -0.02 5.04 8.67
CA LYS A 84 1.18 4.37 9.18
C LYS A 84 1.83 5.21 10.24
N VAL A 85 2.46 4.52 11.19
CA VAL A 85 3.21 5.16 12.27
C VAL A 85 4.70 5.00 11.99
N TRP A 86 5.44 6.10 12.08
CA TRP A 86 6.88 6.18 11.75
C TRP A 86 7.67 5.52 12.91
N PRO A 87 8.81 4.87 12.63
CA PRO A 87 9.55 4.12 13.71
C PRO A 87 9.97 4.91 14.97
N THR A 88 9.98 6.24 14.88
CA THR A 88 10.23 7.10 16.04
C THR A 88 9.06 7.15 17.06
N HIS A 89 7.88 6.65 16.66
CA HIS A 89 6.69 6.74 17.47
C HIS A 89 6.08 5.41 17.87
N LEU A 90 6.91 4.36 17.99
CA LEU A 90 6.40 3.01 18.26
C LEU A 90 6.14 2.70 19.74
N ARG A 91 6.67 3.53 20.64
CA ARG A 91 6.27 3.47 22.07
C ARG A 91 4.79 3.76 22.24
N ARG A 92 4.16 3.08 23.19
CA ARG A 92 2.71 3.17 23.38
C ARG A 92 2.10 4.58 23.27
N ASP A 93 2.54 5.51 24.09
CA ASP A 93 1.93 6.86 24.14
C ASP A 93 2.18 7.66 22.87
N ASP A 94 3.37 7.48 22.28
CA ASP A 94 3.69 8.10 21.01
C ASP A 94 2.85 7.55 19.86
N LEU A 95 2.61 6.23 19.85
CA LEU A 95 1.78 5.60 18.82
C LEU A 95 0.33 6.11 18.88
N LEU A 96 -0.23 6.19 20.07
CA LEU A 96 -1.60 6.64 20.25
C LEU A 96 -1.76 8.11 19.90
N ARG A 97 -0.76 8.94 20.20
CA ARG A 97 -0.74 10.32 19.73
C ARG A 97 -0.65 10.44 18.21
N SER A 98 0.21 9.62 17.60
CA SER A 98 0.35 9.62 16.13
C SER A 98 -0.97 9.23 15.45
N LEU A 99 -1.62 8.19 15.98
CA LEU A 99 -2.94 7.74 15.53
C LEU A 99 -3.94 8.89 15.62
N GLU A 100 -4.05 9.48 16.80
CA GLU A 100 -4.97 10.60 17.03
C GLU A 100 -4.79 11.78 16.05
N ASN A 101 -3.54 12.15 15.79
CA ASN A 101 -3.23 13.26 14.89
C ASN A 101 -3.42 12.92 13.43
N THR A 102 -3.15 11.66 13.09
CA THR A 102 -3.51 11.13 11.78
C THR A 102 -5.02 11.31 11.55
N LEU A 103 -5.81 10.93 12.56
CA LEU A 103 -7.29 11.05 12.50
C LEU A 103 -7.77 12.50 12.46
N LYS A 104 -7.20 13.34 13.30
CA LYS A 104 -7.42 14.80 13.19
C LYS A 104 -7.16 15.32 11.78
N ARG A 105 -5.99 15.01 11.20
CA ARG A 105 -5.62 15.54 9.88
C ARG A 105 -6.46 14.98 8.74
N LEU A 106 -6.85 13.72 8.84
CA LEU A 106 -7.81 13.13 7.89
C LEU A 106 -9.27 13.61 8.12
N ASP A 107 -9.49 14.24 9.27
CA ASP A 107 -10.82 14.54 9.82
C ASP A 107 -11.79 13.38 9.65
N THR A 108 -11.49 12.28 10.34
CA THR A 108 -12.30 11.06 10.38
C THR A 108 -12.12 10.37 11.75
N ASP A 109 -13.06 9.53 12.12
CA ASP A 109 -13.03 8.88 13.44
C ASP A 109 -12.24 7.59 13.51
N TYR A 110 -11.89 7.03 12.34
CA TYR A 110 -11.14 5.77 12.29
C TYR A 110 -10.36 5.69 10.99
N VAL A 111 -9.30 4.89 11.01
CA VAL A 111 -8.63 4.39 9.78
C VAL A 111 -8.99 2.95 9.53
N ASP A 112 -8.99 2.53 8.28
CA ASP A 112 -9.32 1.16 7.92
C ASP A 112 -8.16 0.17 8.23
N LEU A 113 -6.95 0.66 8.01
CA LEU A 113 -5.76 -0.13 8.20
C LEU A 113 -4.67 0.79 8.73
N TYR A 114 -3.98 0.34 9.79
CA TYR A 114 -2.90 1.10 10.39
C TYR A 114 -1.65 0.22 10.45
N LEU A 115 -0.52 0.75 9.97
CA LEU A 115 0.72 -0.05 9.83
C LEU A 115 1.84 0.48 10.68
N ILE A 116 2.68 -0.42 11.21
CA ILE A 116 4.06 -0.05 11.61
C ILE A 116 4.81 0.22 10.30
N HIS A 117 5.27 1.45 10.13
CA HIS A 117 5.86 1.88 8.84
C HIS A 117 7.23 1.22 8.61
N TRP A 118 8.08 1.28 9.63
CA TRP A 118 9.34 0.57 9.65
C TRP A 118 9.56 0.00 11.04
N PRO A 119 10.18 -1.19 11.12
CA PRO A 119 10.55 -1.72 12.45
C PRO A 119 11.61 -0.89 13.15
N ASN A 120 11.53 -0.82 14.48
CA ASN A 120 12.53 -0.12 15.31
C ASN A 120 13.00 -1.14 16.37
N PRO A 121 14.18 -1.76 16.14
CA PRO A 121 14.67 -2.82 17.03
C PRO A 121 14.83 -2.44 18.52
N GLU A 122 14.98 -1.16 18.81
CA GLU A 122 15.04 -0.62 20.17
C GLU A 122 13.68 -0.58 20.90
N ILE A 123 12.55 -0.72 20.17
CA ILE A 123 11.22 -0.67 20.81
C ILE A 123 10.61 -2.06 20.75
N PRO A 124 10.27 -2.62 21.91
CA PRO A 124 9.70 -3.98 21.88
C PRO A 124 8.41 -4.05 21.06
N LEU A 125 8.36 -4.99 20.12
CA LEU A 125 7.20 -5.18 19.24
C LEU A 125 5.93 -5.36 20.01
N GLU A 126 6.02 -6.14 21.08
CA GLU A 126 4.88 -6.43 21.94
C GLU A 126 4.24 -5.13 22.48
N GLU A 127 5.06 -4.14 22.83
CA GLU A 127 4.52 -2.86 23.26
C GLU A 127 3.75 -2.14 22.13
N THR A 128 4.40 -2.04 20.98
CA THR A 128 3.84 -1.38 19.81
C THR A 128 2.50 -2.06 19.42
N LEU A 129 2.50 -3.39 19.29
CA LEU A 129 1.32 -4.13 18.89
C LEU A 129 0.16 -4.01 19.91
N SER A 130 0.49 -4.02 21.19
CA SER A 130 -0.50 -3.84 22.24
C SER A 130 -1.13 -2.44 22.22
N ALA A 131 -0.33 -1.42 21.93
CA ALA A 131 -0.86 -0.05 21.76
C ALA A 131 -1.80 0.03 20.55
N MET A 132 -1.44 -0.66 19.48
CA MET A 132 -2.32 -0.75 18.30
C MET A 132 -3.62 -1.50 18.58
N ALA A 133 -3.54 -2.56 19.39
CA ALA A 133 -4.71 -3.27 19.84
C ALA A 133 -5.66 -2.34 20.63
N GLU A 134 -5.12 -1.45 21.49
CA GLU A 134 -5.92 -0.40 22.16
C GLU A 134 -6.70 0.45 21.17
N GLY A 135 -6.03 0.86 20.09
CA GLY A 135 -6.66 1.55 18.97
C GLY A 135 -7.83 0.80 18.35
N VAL A 136 -7.66 -0.50 18.11
CA VAL A 136 -8.72 -1.36 17.60
C VAL A 136 -9.87 -1.47 18.60
N ARG A 137 -9.56 -1.73 19.87
CA ARG A 137 -10.58 -1.85 20.95
C ARG A 137 -11.42 -0.59 21.09
N GLN A 138 -10.78 0.55 20.92
CA GLN A 138 -11.43 1.87 20.95
C GLN A 138 -12.22 2.24 19.66
N GLY A 139 -12.24 1.39 18.64
CA GLY A 139 -12.87 1.71 17.35
C GLY A 139 -12.13 2.70 16.45
N LEU A 140 -10.85 2.96 16.72
CA LEU A 140 -10.06 3.93 15.92
C LEU A 140 -9.39 3.32 14.69
N ILE A 141 -9.22 2.01 14.72
CA ILE A 141 -8.54 1.24 13.67
C ILE A 141 -9.39 0.01 13.41
N ARG A 142 -9.66 -0.29 12.14
CA ARG A 142 -10.36 -1.53 11.80
C ARG A 142 -9.40 -2.71 11.76
N TYR A 143 -8.32 -2.57 11.02
CA TYR A 143 -7.31 -3.64 10.87
C TYR A 143 -5.90 -3.10 11.12
N ILE A 144 -5.03 -3.98 11.61
CA ILE A 144 -3.61 -3.64 11.75
C ILE A 144 -2.73 -4.45 10.81
N GLY A 145 -1.56 -3.89 10.50
CA GLY A 145 -0.56 -4.58 9.72
C GLY A 145 0.80 -3.98 9.95
N VAL A 146 1.79 -4.47 9.18
CA VAL A 146 3.16 -4.04 9.29
C VAL A 146 3.68 -3.68 7.91
N SER A 147 4.83 -3.00 7.91
CA SER A 147 5.52 -2.62 6.66
C SER A 147 7.01 -2.76 6.85
N ASN A 148 7.67 -3.22 5.80
CA ASN A 148 9.12 -3.43 5.77
C ASN A 148 9.57 -4.45 6.82
N PHE A 149 8.73 -5.46 7.04
CA PHE A 149 9.08 -6.60 7.90
C PHE A 149 9.42 -7.76 7.00
N ASP A 150 10.57 -8.37 7.28
CA ASP A 150 10.96 -9.58 6.59
C ASP A 150 10.20 -10.74 7.23
N ARG A 151 10.36 -11.92 6.66
CA ARG A 151 9.65 -13.11 7.10
C ARG A 151 9.78 -13.35 8.62
N ARG A 152 11.01 -13.32 9.11
CA ARG A 152 11.26 -13.58 10.54
C ARG A 152 10.55 -12.60 11.46
N LEU A 153 10.62 -11.33 11.09
CA LEU A 153 9.99 -10.31 11.91
C LEU A 153 8.47 -10.39 11.81
N LEU A 154 7.95 -10.75 10.63
CA LEU A 154 6.50 -10.93 10.45
C LEU A 154 6.03 -12.09 11.34
N GLU A 155 6.79 -13.18 11.31
CA GLU A 155 6.50 -14.28 12.23
C GLU A 155 6.46 -13.82 13.69
N GLU A 156 7.46 -13.04 14.07
CA GLU A 156 7.58 -12.54 15.43
C GLU A 156 6.40 -11.63 15.78
N ALA A 157 6.05 -10.74 14.85
CA ALA A 157 4.87 -9.89 15.00
C ALA A 157 3.62 -10.70 15.20
N ILE A 158 3.44 -11.76 14.42
CA ILE A 158 2.24 -12.57 14.53
C ILE A 158 2.14 -13.21 15.90
N SER A 159 3.27 -13.70 16.43
CA SER A 159 3.27 -14.35 17.75
C SER A 159 3.00 -13.38 18.90
N LYS A 160 3.33 -12.10 18.73
CA LYS A 160 3.24 -11.13 19.79
C LYS A 160 2.02 -10.20 19.71
N SER A 161 1.08 -10.50 18.82
CA SER A 161 -0.05 -9.60 18.55
C SER A 161 -1.39 -10.25 18.89
N GLN A 162 -2.20 -9.63 19.75
CA GLN A 162 -3.57 -10.16 20.00
C GLN A 162 -4.44 -10.02 18.76
N GLU A 163 -4.24 -8.95 18.01
CA GLU A 163 -5.03 -8.68 16.81
C GLU A 163 -4.35 -9.36 15.60
N PRO A 164 -5.14 -9.77 14.60
CA PRO A 164 -4.51 -10.37 13.40
C PRO A 164 -3.70 -9.35 12.61
N ILE A 165 -2.55 -9.79 12.08
CA ILE A 165 -1.73 -8.95 11.19
C ILE A 165 -2.19 -9.27 9.78
N VAL A 166 -2.92 -8.34 9.17
CA VAL A 166 -3.60 -8.62 7.90
C VAL A 166 -2.74 -8.43 6.65
N CYS A 167 -1.66 -7.66 6.76
CA CYS A 167 -0.76 -7.42 5.65
C CYS A 167 0.67 -7.04 6.05
N ASP A 168 1.57 -7.23 5.08
CA ASP A 168 2.95 -6.78 5.16
C ASP A 168 3.21 -6.02 3.88
N GLN A 169 3.40 -4.70 4.02
CA GLN A 169 3.66 -3.84 2.86
C GLN A 169 5.17 -3.70 2.67
N VAL A 170 5.64 -4.14 1.51
CA VAL A 170 7.07 -4.26 1.23
C VAL A 170 7.31 -3.89 -0.21
N LYS A 171 8.57 -3.61 -0.52
CA LYS A 171 8.99 -3.32 -1.88
C LYS A 171 8.98 -4.60 -2.70
N TYR A 172 8.31 -4.57 -3.83
CA TYR A 172 8.20 -5.73 -4.68
C TYR A 172 7.78 -5.25 -6.08
N ASN A 173 8.57 -5.62 -7.07
CA ASN A 173 8.28 -5.31 -8.47
C ASN A 173 9.07 -6.22 -9.41
N ILE A 174 8.98 -5.97 -10.72
CA ILE A 174 9.60 -6.87 -11.72
C ILE A 174 11.12 -7.07 -11.53
N GLU A 175 11.80 -6.09 -10.92
CA GLU A 175 13.20 -6.25 -10.59
C GLU A 175 13.49 -6.52 -9.13
N ASP A 176 12.71 -5.97 -8.21
CA ASP A 176 13.07 -6.02 -6.79
C ASP A 176 12.34 -7.20 -6.17
N ARG A 177 13.11 -8.23 -5.78
CA ARG A 177 12.54 -9.53 -5.45
C ARG A 177 12.94 -10.07 -4.08
N ASP A 178 13.34 -9.21 -3.14
CA ASP A 178 13.64 -9.63 -1.77
C ASP A 178 12.52 -10.47 -1.12
N PRO A 179 11.23 -10.13 -1.38
CA PRO A 179 10.19 -11.00 -0.80
C PRO A 179 10.20 -12.46 -1.29
N GLU A 180 10.72 -12.71 -2.49
CA GLU A 180 10.91 -14.10 -2.99
C GLU A 180 12.13 -14.79 -2.36
N ARG A 181 13.22 -14.05 -2.21
CA ARG A 181 14.45 -14.65 -1.66
C ARG A 181 14.30 -14.99 -0.18
N ASP A 182 13.47 -14.22 0.50
CA ASP A 182 13.24 -14.34 1.94
C ASP A 182 12.27 -15.46 2.34
N GLY A 183 11.59 -16.04 1.38
CA GLY A 183 10.41 -16.86 1.65
C GLY A 183 9.23 -16.06 2.19
N LEU A 184 9.23 -14.74 2.07
CA LEU A 184 8.16 -13.90 2.65
C LEU A 184 6.86 -14.04 1.88
N LEU A 185 6.93 -13.91 0.56
CA LEU A 185 5.73 -14.09 -0.26
C LEU A 185 5.04 -15.45 -0.07
N GLU A 186 5.82 -16.52 -0.04
CA GLU A 186 5.30 -17.88 0.23
C GLU A 186 4.69 -17.95 1.62
N PHE A 187 5.38 -17.39 2.62
CA PHE A 187 4.87 -17.34 3.95
C PHE A 187 3.50 -16.66 4.02
N CYS A 188 3.43 -15.47 3.42
CA CYS A 188 2.17 -14.71 3.39
C CYS A 188 1.07 -15.52 2.72
N GLN A 189 1.40 -16.13 1.59
CA GLN A 189 0.45 -16.92 0.83
C GLN A 189 -0.04 -18.16 1.56
N LYS A 190 0.77 -18.72 2.44
CA LYS A 190 0.38 -19.90 3.21
C LYS A 190 -0.29 -19.57 4.52
N ASN A 191 -0.12 -18.35 5.01
CA ASN A 191 -0.61 -17.96 6.29
C ASN A 191 -1.64 -16.84 6.26
N GLY A 192 -2.27 -16.58 5.10
CA GLY A 192 -3.38 -15.63 5.06
C GLY A 192 -3.02 -14.19 5.39
N VAL A 193 -1.83 -13.78 4.94
CA VAL A 193 -1.37 -12.41 5.02
C VAL A 193 -1.27 -11.87 3.59
N THR A 194 -1.72 -10.63 3.42
CA THR A 194 -1.74 -10.00 2.11
C THR A 194 -0.39 -9.31 1.97
N LEU A 195 0.31 -9.55 0.87
CA LEU A 195 1.57 -8.83 0.64
C LEU A 195 1.24 -7.61 -0.19
N VAL A 196 1.58 -6.44 0.31
CA VAL A 196 1.27 -5.20 -0.40
C VAL A 196 2.55 -4.62 -1.02
N ALA A 197 2.59 -4.61 -2.35
CA ALA A 197 3.76 -4.25 -3.11
C ALA A 197 3.82 -2.73 -3.27
N TYR A 198 4.75 -2.12 -2.53
CA TYR A 198 5.10 -0.73 -2.78
C TYR A 198 6.23 -0.58 -3.79
N SER A 199 6.38 0.64 -4.29
CA SER A 199 7.18 0.91 -5.50
C SER A 199 7.00 -0.16 -6.59
N PRO A 200 5.74 -0.44 -6.98
CA PRO A 200 5.44 -1.54 -7.92
C PRO A 200 5.86 -1.28 -9.39
N LEU A 201 6.09 -0.01 -9.73
CA LEU A 201 6.74 0.38 -11.00
C LEU A 201 8.24 0.64 -10.86
N ARG A 202 8.78 0.38 -9.68
CA ARG A 202 10.19 0.73 -9.34
C ARG A 202 10.51 2.17 -9.69
N ARG A 203 9.51 3.03 -9.51
CA ARG A 203 9.58 4.45 -9.88
C ARG A 203 10.00 4.71 -11.34
N THR A 204 9.68 3.73 -12.20
CA THR A 204 10.06 3.66 -13.63
C THR A 204 11.55 3.43 -13.92
N LEU A 205 12.37 3.20 -12.89
CA LEU A 205 13.79 2.93 -13.08
C LEU A 205 14.01 1.43 -13.35
N LEU A 206 14.29 1.08 -14.60
CA LEU A 206 14.37 -0.31 -15.05
C LEU A 206 15.60 -0.53 -15.94
N SER A 207 16.23 -1.72 -15.87
CA SER A 207 17.36 -2.04 -16.76
C SER A 207 16.88 -2.24 -18.17
N GLU A 208 17.85 -2.25 -19.10
CA GLU A 208 17.58 -2.54 -20.53
C GLU A 208 16.99 -3.90 -20.77
N LYS A 209 17.56 -4.92 -20.12
CA LYS A 209 17.10 -6.30 -20.25
C LYS A 209 15.63 -6.42 -19.87
N THR A 210 15.23 -5.78 -18.76
CA THR A 210 13.85 -6.01 -18.32
C THR A 210 12.90 -5.24 -19.22
N LYS A 211 13.31 -4.06 -19.66
CA LYS A 211 12.54 -3.32 -20.64
C LYS A 211 12.29 -4.10 -21.92
N ARG A 212 13.31 -4.82 -22.40
CA ARG A 212 13.19 -5.58 -23.65
C ARG A 212 12.10 -6.65 -23.57
N THR A 213 12.07 -7.43 -22.49
CA THR A 213 11.04 -8.48 -22.39
C THR A 213 9.64 -7.86 -22.10
N LEU A 214 9.61 -6.79 -21.28
CA LEU A 214 8.39 -6.03 -21.02
C LEU A 214 7.75 -5.45 -22.28
N GLU A 215 8.58 -4.95 -23.19
CA GLU A 215 8.08 -4.40 -24.47
C GLU A 215 7.36 -5.42 -25.34
N GLU A 216 7.97 -6.59 -25.48
CA GLU A 216 7.39 -7.69 -26.26
C GLU A 216 6.02 -8.07 -25.75
N ILE A 217 5.92 -8.25 -24.44
CA ILE A 217 4.68 -8.67 -23.82
C ILE A 217 3.64 -7.55 -23.89
N ALA A 218 4.08 -6.32 -23.65
CA ALA A 218 3.20 -5.16 -23.72
C ALA A 218 2.56 -5.02 -25.10
N LYS A 219 3.37 -5.14 -26.14
CA LYS A 219 2.82 -5.02 -27.49
C LYS A 219 1.89 -6.15 -27.84
N ASN A 220 2.18 -7.37 -27.38
CA ASN A 220 1.24 -8.48 -27.55
C ASN A 220 -0.13 -8.27 -26.92
N HIS A 221 -0.19 -7.48 -25.84
CA HIS A 221 -1.46 -7.07 -25.25
C HIS A 221 -1.90 -5.65 -25.62
N GLY A 222 -1.16 -5.00 -26.53
CA GLY A 222 -1.37 -3.57 -26.85
C GLY A 222 -1.47 -2.72 -25.60
N ALA A 223 -0.55 -2.92 -24.68
CA ALA A 223 -0.51 -2.21 -23.41
C ALA A 223 0.85 -1.51 -23.27
N THR A 224 1.03 -0.73 -22.22
CA THR A 224 2.35 -0.18 -21.89
C THR A 224 3.10 -1.17 -21.01
N ILE A 225 4.43 -1.02 -20.96
CA ILE A 225 5.27 -1.82 -20.05
C ILE A 225 4.85 -1.74 -18.58
N TYR A 226 4.32 -0.58 -18.17
CA TYR A 226 3.91 -0.37 -16.77
C TYR A 226 2.66 -1.15 -16.45
N GLN A 227 1.75 -1.21 -17.43
CA GLN A 227 0.58 -2.05 -17.31
C GLN A 227 0.96 -3.53 -17.10
N ILE A 228 1.97 -4.00 -17.83
CA ILE A 228 2.44 -5.36 -17.70
C ILE A 228 3.02 -5.60 -16.30
N MET A 229 3.84 -4.69 -15.79
CA MET A 229 4.42 -4.88 -14.47
C MET A 229 3.38 -4.84 -13.30
N LEU A 230 2.30 -4.07 -13.45
CA LEU A 230 1.17 -4.17 -12.52
C LEU A 230 0.36 -5.47 -12.65
N ALA A 231 0.08 -5.90 -13.87
CA ALA A 231 -0.67 -7.15 -14.11
C ALA A 231 0.10 -8.35 -13.56
N TRP A 232 1.43 -8.34 -13.74
CA TRP A 232 2.33 -9.37 -13.19
C TRP A 232 2.19 -9.50 -11.67
N LEU A 233 2.13 -8.37 -10.96
CA LEU A 233 1.95 -8.40 -9.49
C LEU A 233 0.55 -8.90 -9.10
N LEU A 234 -0.46 -8.29 -9.72
CA LEU A 234 -1.86 -8.67 -9.49
C LEU A 234 -2.18 -10.14 -9.81
N ALA A 235 -1.43 -10.74 -10.71
CA ALA A 235 -1.60 -12.18 -11.03
C ALA A 235 -1.18 -13.15 -9.91
N LYS A 236 -0.40 -12.67 -8.95
CA LYS A 236 0.11 -13.51 -7.87
C LYS A 236 -0.88 -13.58 -6.73
N PRO A 237 -1.13 -14.78 -6.17
CA PRO A 237 -2.03 -14.82 -5.01
C PRO A 237 -1.50 -13.99 -3.83
N ASN A 238 -2.44 -13.36 -3.13
CA ASN A 238 -2.22 -12.56 -1.95
C ASN A 238 -1.53 -11.22 -2.20
N VAL A 239 -1.29 -10.87 -3.47
CA VAL A 239 -0.52 -9.64 -3.79
C VAL A 239 -1.43 -8.50 -4.27
N VAL A 240 -1.25 -7.36 -3.62
CA VAL A 240 -1.95 -6.10 -3.92
C VAL A 240 -0.80 -5.11 -4.20
N ALA A 241 -1.08 -4.09 -5.02
CA ALA A 241 -0.08 -3.10 -5.43
C ALA A 241 -0.56 -1.68 -5.24
N ILE A 242 0.38 -0.80 -4.91
CA ILE A 242 0.09 0.58 -4.53
C ILE A 242 0.92 1.55 -5.39
N PRO A 243 0.65 1.62 -6.71
CA PRO A 243 1.40 2.58 -7.51
C PRO A 243 1.04 4.01 -7.13
N LYS A 244 1.99 4.94 -7.25
CA LYS A 244 1.69 6.34 -7.14
C LYS A 244 1.51 6.94 -8.54
N ALA A 245 0.38 7.60 -8.77
CA ALA A 245 0.07 8.29 -10.01
C ALA A 245 -0.48 9.66 -9.70
N GLY A 246 0.37 10.67 -9.88
CA GLY A 246 -0.05 12.06 -9.81
C GLY A 246 -0.69 12.68 -11.05
N ARG A 247 -0.96 11.90 -12.08
CA ARG A 247 -1.59 12.39 -13.29
C ARG A 247 -2.78 11.55 -13.65
N VAL A 248 -3.87 12.19 -14.06
CA VAL A 248 -5.03 11.48 -14.62
C VAL A 248 -4.63 10.40 -15.63
N GLU A 249 -3.71 10.70 -16.56
CA GLU A 249 -3.34 9.77 -17.63
C GLU A 249 -2.86 8.44 -17.05
N HIS A 250 -2.05 8.55 -15.99
CA HIS A 250 -1.47 7.37 -15.33
C HIS A 250 -2.47 6.66 -14.44
N LEU A 251 -3.32 7.42 -13.74
CA LEU A 251 -4.48 6.83 -13.06
C LEU A 251 -5.34 5.96 -13.98
N ARG A 252 -5.64 6.46 -15.16
CA ARG A 252 -6.46 5.73 -16.15
C ARG A 252 -5.73 4.51 -16.70
N GLU A 253 -4.48 4.73 -17.09
CA GLU A 253 -3.65 3.68 -17.66
C GLU A 253 -3.46 2.55 -16.66
N ASN A 254 -3.11 2.88 -15.42
CA ASN A 254 -2.87 1.85 -14.41
C ASN A 254 -4.14 1.07 -14.05
N LEU A 255 -5.30 1.72 -14.08
CA LEU A 255 -6.58 1.05 -13.83
C LEU A 255 -6.84 -0.06 -14.87
N LYS A 256 -6.56 0.25 -16.14
CA LYS A 256 -6.64 -0.73 -17.24
C LYS A 256 -5.84 -2.02 -17.00
N ALA A 257 -4.74 -1.91 -16.27
CA ALA A 257 -3.90 -3.07 -16.00
C ALA A 257 -4.62 -4.23 -15.27
N THR A 258 -5.75 -3.96 -14.59
CA THR A 258 -6.52 -4.99 -13.90
C THR A 258 -7.28 -5.96 -14.80
N GLU A 259 -7.31 -5.71 -16.12
CA GLU A 259 -8.03 -6.57 -17.06
C GLU A 259 -7.12 -7.13 -18.15
N ILE A 260 -5.83 -7.21 -17.84
CA ILE A 260 -4.86 -7.89 -18.71
C ILE A 260 -4.78 -9.31 -18.17
N LYS A 261 -4.89 -10.30 -19.06
CA LYS A 261 -4.72 -11.70 -18.67
C LYS A 261 -3.41 -12.16 -19.25
N LEU A 262 -2.40 -12.27 -18.40
CA LEU A 262 -1.10 -12.80 -18.82
C LEU A 262 -1.24 -14.31 -18.94
N SER A 263 -0.56 -14.89 -19.94
CA SER A 263 -0.53 -16.32 -20.15
C SER A 263 0.43 -16.93 -19.15
N GLU A 264 0.40 -18.25 -19.05
CA GLU A 264 1.32 -19.01 -18.20
C GLU A 264 2.76 -18.78 -18.64
N GLU A 265 3.02 -18.75 -19.94
CA GLU A 265 4.40 -18.60 -20.43
C GLU A 265 4.92 -17.17 -20.24
N GLU A 266 4.02 -16.20 -20.34
CA GLU A 266 4.36 -14.81 -20.03
C GLU A 266 4.67 -14.64 -18.57
N MET A 267 3.86 -15.25 -17.70
CA MET A 267 4.17 -15.25 -16.26
C MET A 267 5.53 -15.85 -15.95
N LYS A 268 5.85 -16.98 -16.56
CA LYS A 268 7.17 -17.63 -16.38
C LYS A 268 8.33 -16.76 -16.87
N LEU A 269 8.20 -16.20 -18.06
CA LEU A 269 9.17 -15.26 -18.58
C LEU A 269 9.35 -14.03 -17.66
N LEU A 270 8.24 -13.48 -17.16
CA LEU A 270 8.34 -12.29 -16.29
C LEU A 270 8.98 -12.67 -14.96
N ASP A 271 8.55 -13.81 -14.38
CA ASP A 271 9.15 -14.33 -13.12
C ASP A 271 10.67 -14.46 -13.22
N SER A 272 11.14 -14.87 -14.40
CA SER A 272 12.57 -15.04 -14.66
C SER A 272 13.41 -13.75 -14.71
N LEU A 273 12.79 -12.58 -14.65
CA LEU A 273 13.55 -11.31 -14.76
C LEU A 273 14.27 -10.83 -13.52
N GLY A 274 14.06 -11.43 -12.35
CA GLY A 274 14.78 -11.01 -11.15
C GLY A 274 15.36 -12.20 -10.42
#